data_4D57
#
_entry.id   4D57
#
_cell.length_a   68.142
_cell.length_b   81.845
_cell.length_c   89.651
_cell.angle_alpha   90.00
_cell.angle_beta   90.00
_cell.angle_gamma   90.00
#
_symmetry.space_group_name_H-M   'P 21 21 21'
#
loop_
_entity.id
_entity.type
_entity.pdbx_description
1 polymer 'APNA A1'
2 non-polymer ARGININE
3 non-polymer GLYCEROL
4 non-polymer 'PHOSPHATE ION'
5 non-polymer 'ADENOSINE MONOPHOSPHATE'
6 water water
#
_entity_poly.entity_id   1
_entity_poly.type   'polypeptide(L)'
_entity_poly.pdbx_seq_one_letter_code
;MKHHHHHHPMSDYDIPTTENLYFQGAMFKQSIHQLFETQVERTPEAVAVLSEQGQLTYEELNTKANQLAHYLRTLGVKSE
TLVGVCVDRSLEMVIGLLAILKAGGAYVPLDPTYPRERLTYMVQDAQISVLVTQTQWSNLISDYQGQVICLDSQWAKIAS
YSQENLVNTVNPENLAYVIYTSGSTGKPKGVMIEHQSLVNFTKLAIAQYQITTSDRTLQFVSISFDVAAEEIYVTLCSGA
TLILRTEEMISSIPSFVQKSQDWQITVWSLPTAYWHLLVNELVKSKIALPDSLRLVIIGGERVQPELVRMWFKNVGNFPE
LINVYGPTEGTIAVSLCRLSQLTESQRNRTEIPIGKSLGENISVYVLDETLKTVPPETPGEIYIGGTALARGYLNRPELT
AQKFIQDPFSPSERLYKTGDLGRYLADGNLEYLGRVDHQVKINGFRVELGEIETVLLQHHQVAQAVVIDREDPLGNKRLV
AYLVPHSTEENLTVTLQQFLKNKLPSYMIPATFVVLNELPLSPNGKIDRKALPIPDYDGNERQTPFIAPRNHQEEKLANI
WHQVFGLEKIGVN
;
_entity_poly.pdbx_strand_id   A
#
loop_
_chem_comp.id
_chem_comp.type
_chem_comp.name
_chem_comp.formula
AMP non-polymer 'ADENOSINE MONOPHOSPHATE' 'C10 H14 N5 O7 P'
GOL non-polymer GLYCEROL 'C3 H8 O3'
PO4 non-polymer 'PHOSPHATE ION' 'O4 P -3'
#
# COMPACT_ATOMS: atom_id res chain seq x y z
N PHE A 28 10.57 -18.57 -16.42
CA PHE A 28 9.42 -17.93 -17.12
C PHE A 28 9.29 -16.40 -16.77
N LYS A 29 10.01 -15.58 -17.54
CA LYS A 29 10.02 -14.10 -17.42
C LYS A 29 8.63 -13.52 -17.55
N GLN A 30 8.16 -12.77 -16.55
CA GLN A 30 6.81 -12.25 -16.66
C GLN A 30 6.70 -10.86 -16.03
N SER A 31 6.02 -9.96 -16.70
CA SER A 31 5.67 -8.67 -16.10
C SER A 31 4.25 -8.80 -15.50
N ILE A 32 3.85 -7.86 -14.64
CA ILE A 32 2.53 -7.93 -14.05
C ILE A 32 1.44 -7.81 -15.07
N HIS A 33 1.61 -6.93 -16.09
CA HIS A 33 0.59 -6.78 -17.11
C HIS A 33 0.44 -7.99 -18.02
N GLN A 34 1.53 -8.71 -18.24
CA GLN A 34 1.52 -9.96 -18.95
C GLN A 34 0.63 -10.97 -18.22
N LEU A 35 0.74 -10.96 -16.89
CA LEU A 35 -0.05 -11.90 -16.10
C LEU A 35 -1.53 -11.57 -16.27
N PHE A 36 -1.84 -10.26 -16.24
CA PHE A 36 -3.17 -9.79 -16.45
C PHE A 36 -3.69 -10.17 -17.85
N GLU A 37 -2.82 -9.99 -18.83
CA GLU A 37 -3.12 -10.22 -20.24
C GLU A 37 -3.47 -11.69 -20.50
N THR A 38 -2.76 -12.59 -19.84
CA THR A 38 -3.13 -14.03 -19.83
C THR A 38 -4.53 -14.31 -19.33
N GLN A 39 -4.92 -13.63 -18.29
CA GLN A 39 -6.26 -13.73 -17.77
C GLN A 39 -7.32 -13.17 -18.70
N VAL A 40 -7.03 -12.04 -19.33
CA VAL A 40 -7.97 -11.47 -20.26
C VAL A 40 -8.25 -12.53 -21.36
N GLU A 41 -7.20 -13.16 -21.87
CA GLU A 41 -7.32 -14.19 -22.90
C GLU A 41 -8.26 -15.36 -22.45
N ARG A 42 -8.19 -15.75 -21.19
CA ARG A 42 -8.99 -16.82 -20.64
C ARG A 42 -10.41 -16.38 -20.48
N THR A 43 -10.66 -15.20 -19.90
CA THR A 43 -12.02 -14.74 -19.63
C THR A 43 -12.32 -13.32 -20.11
N PRO A 44 -12.36 -13.14 -21.44
CA PRO A 44 -12.51 -11.81 -22.00
C PRO A 44 -13.79 -11.13 -21.61
N GLU A 45 -14.89 -11.90 -21.44
CA GLU A 45 -16.22 -11.33 -21.22
C GLU A 45 -16.63 -11.22 -19.77
N ALA A 46 -15.82 -11.77 -18.89
CA ALA A 46 -16.02 -11.53 -17.48
C ALA A 46 -15.91 -10.07 -17.10
N VAL A 47 -16.69 -9.69 -16.13
CA VAL A 47 -16.59 -8.38 -15.56
C VAL A 47 -15.27 -8.20 -14.74
N ALA A 48 -14.45 -7.24 -15.12
CA ALA A 48 -13.21 -6.95 -14.38
C ALA A 48 -13.32 -5.93 -13.29
N VAL A 49 -14.03 -4.84 -13.51
CA VAL A 49 -14.04 -3.74 -12.57
C VAL A 49 -15.46 -3.24 -12.59
N LEU A 50 -16.00 -2.96 -11.41
N LEU A 50 -16.01 -3.05 -11.39
CA LEU A 50 -17.34 -2.39 -11.23
CA LEU A 50 -17.31 -2.38 -11.12
C LEU A 50 -17.20 -1.26 -10.25
C LEU A 50 -17.10 -1.19 -10.26
N SER A 51 -17.85 -0.13 -10.54
CA SER A 51 -17.91 0.98 -9.63
C SER A 51 -19.40 1.33 -9.62
N GLU A 52 -19.74 2.24 -8.76
CA GLU A 52 -21.11 2.64 -8.61
C GLU A 52 -21.60 3.37 -9.87
N GLN A 53 -20.69 3.71 -10.77
CA GLN A 53 -21.00 4.46 -11.94
C GLN A 53 -20.90 3.64 -13.23
N GLY A 54 -20.23 2.48 -13.22
CA GLY A 54 -20.17 1.67 -14.40
C GLY A 54 -19.25 0.45 -14.27
N GLN A 55 -18.98 -0.20 -15.39
CA GLN A 55 -18.16 -1.41 -15.34
C GLN A 55 -17.32 -1.61 -16.59
N LEU A 56 -16.35 -2.52 -16.51
CA LEU A 56 -15.54 -2.94 -17.61
C LEU A 56 -15.38 -4.46 -17.56
N THR A 57 -15.49 -5.09 -18.72
CA THR A 57 -15.14 -6.48 -18.93
C THR A 57 -13.61 -6.56 -19.00
N TYR A 58 -13.06 -7.76 -18.92
CA TYR A 58 -11.61 -7.93 -18.97
C TYR A 58 -11.12 -7.41 -20.33
N GLU A 59 -11.87 -7.76 -21.38
CA GLU A 59 -11.61 -7.31 -22.76
C GLU A 59 -11.57 -5.76 -22.90
N GLU A 60 -12.59 -5.11 -22.41
CA GLU A 60 -12.68 -3.66 -22.48
C GLU A 60 -11.58 -3.01 -21.66
N LEU A 61 -11.27 -3.57 -20.51
CA LEU A 61 -10.23 -3.00 -19.67
C LEU A 61 -8.93 -3.10 -20.41
N ASN A 62 -8.67 -4.27 -20.94
CA ASN A 62 -7.42 -4.52 -21.60
C ASN A 62 -7.25 -3.63 -22.86
N THR A 63 -8.30 -3.60 -23.66
CA THR A 63 -8.30 -2.74 -24.89
C THR A 63 -8.07 -1.24 -24.55
N LYS A 64 -8.85 -0.70 -23.61
CA LYS A 64 -8.62 0.67 -23.10
C LYS A 64 -7.22 0.95 -22.54
N ALA A 65 -6.69 0.01 -21.73
CA ALA A 65 -5.34 0.18 -21.20
C ALA A 65 -4.31 0.16 -22.35
N ASN A 66 -4.52 -0.70 -23.33
CA ASN A 66 -3.67 -0.70 -24.55
C ASN A 66 -3.71 0.57 -25.37
N GLN A 67 -4.87 1.15 -25.52
CA GLN A 67 -4.95 2.41 -26.28
C GLN A 67 -4.15 3.49 -25.56
N LEU A 68 -4.35 3.64 -24.25
CA LEU A 68 -3.56 4.58 -23.46
C LEU A 68 -2.07 4.26 -23.44
N ALA A 69 -1.69 2.99 -23.36
CA ALA A 69 -0.30 2.65 -23.38
C ALA A 69 0.37 3.01 -24.69
N HIS A 70 -0.35 2.85 -25.79
CA HIS A 70 0.21 3.20 -27.12
C HIS A 70 0.46 4.70 -27.15
N TYR A 71 -0.49 5.46 -26.63
CA TYR A 71 -0.37 6.91 -26.55
C TYR A 71 0.81 7.29 -25.70
N LEU A 72 0.95 6.68 -24.53
CA LEU A 72 2.08 6.89 -23.73
C LEU A 72 3.41 6.59 -24.38
N ARG A 73 3.53 5.51 -25.12
CA ARG A 73 4.74 5.20 -25.82
C ARG A 73 5.12 6.36 -26.76
N THR A 74 4.12 7.04 -27.30
CA THR A 74 4.46 8.14 -28.24
C THR A 74 4.87 9.39 -27.46
N LEU A 75 4.55 9.46 -26.17
CA LEU A 75 5.06 10.53 -25.31
C LEU A 75 6.43 10.22 -24.73
N GLY A 76 7.03 9.10 -25.08
CA GLY A 76 8.34 8.81 -24.64
C GLY A 76 8.40 7.85 -23.48
N VAL A 77 7.27 7.32 -23.06
CA VAL A 77 7.30 6.34 -21.95
C VAL A 77 7.88 5.02 -22.45
N LYS A 78 8.85 4.54 -21.70
CA LYS A 78 9.57 3.32 -22.03
C LYS A 78 10.09 2.67 -20.69
N SER A 79 10.69 1.50 -20.72
CA SER A 79 11.29 0.94 -19.47
C SER A 79 12.06 1.95 -18.67
N GLU A 80 11.82 1.94 -17.34
CA GLU A 80 12.40 2.86 -16.37
C GLU A 80 11.89 4.29 -16.37
N THR A 81 10.98 4.63 -17.26
CA THR A 81 10.40 5.94 -17.25
C THR A 81 9.45 5.97 -16.12
N LEU A 82 9.55 7.00 -15.29
CA LEU A 82 8.56 7.19 -14.25
C LEU A 82 7.42 8.08 -14.70
N VAL A 83 6.20 7.60 -14.46
CA VAL A 83 4.97 8.31 -14.76
C VAL A 83 4.11 8.59 -13.55
N GLY A 84 3.81 9.88 -13.35
CA GLY A 84 2.93 10.28 -12.29
C GLY A 84 1.53 9.86 -12.56
N VAL A 85 0.80 9.41 -11.53
N VAL A 85 0.83 9.33 -11.56
CA VAL A 85 -0.61 9.13 -11.67
CA VAL A 85 -0.62 9.14 -11.66
C VAL A 85 -1.37 9.84 -10.56
C VAL A 85 -1.33 9.88 -10.56
N CYS A 86 -2.23 10.76 -10.95
CA CYS A 86 -2.96 11.55 -9.98
C CYS A 86 -4.36 11.47 -10.40
N VAL A 87 -5.03 10.53 -9.81
CA VAL A 87 -6.30 10.16 -10.26
C VAL A 87 -7.17 9.84 -9.09
N ASP A 88 -8.47 9.82 -9.32
CA ASP A 88 -9.29 9.39 -8.19
C ASP A 88 -9.74 7.96 -8.44
N ARG A 89 -10.27 7.36 -7.39
CA ARG A 89 -10.64 5.97 -7.45
C ARG A 89 -11.78 5.80 -8.42
N SER A 90 -11.56 5.10 -9.53
CA SER A 90 -12.50 5.12 -10.68
C SER A 90 -12.04 4.11 -11.66
N LEU A 91 -12.86 3.80 -12.64
CA LEU A 91 -12.48 2.93 -13.76
C LEU A 91 -11.25 3.48 -14.44
N GLU A 92 -11.16 4.81 -14.55
CA GLU A 92 -10.05 5.46 -15.20
C GLU A 92 -8.72 5.19 -14.52
N MET A 93 -8.75 5.13 -13.17
CA MET A 93 -7.59 4.88 -12.40
C MET A 93 -6.98 3.54 -12.79
N VAL A 94 -7.81 2.53 -12.93
CA VAL A 94 -7.38 1.20 -13.25
C VAL A 94 -6.86 1.09 -14.66
N ILE A 95 -7.52 1.72 -15.61
CA ILE A 95 -7.00 1.80 -16.96
C ILE A 95 -5.64 2.47 -16.96
N GLY A 96 -5.54 3.54 -16.17
CA GLY A 96 -4.34 4.32 -16.09
C GLY A 96 -3.15 3.50 -15.64
N LEU A 97 -3.31 2.78 -14.52
CA LEU A 97 -2.23 1.98 -13.99
C LEU A 97 -1.76 0.97 -14.97
N LEU A 98 -2.69 0.22 -15.53
CA LEU A 98 -2.32 -0.84 -16.41
C LEU A 98 -1.73 -0.32 -17.70
N ALA A 99 -2.15 0.87 -18.14
CA ALA A 99 -1.61 1.41 -19.40
C ALA A 99 -0.19 1.78 -19.19
N ILE A 100 0.12 2.37 -18.03
CA ILE A 100 1.49 2.77 -17.72
C ILE A 100 2.40 1.52 -17.72
N LEU A 101 1.93 0.49 -17.02
CA LEU A 101 2.67 -0.75 -16.99
C LEU A 101 2.90 -1.36 -18.40
N LYS A 102 1.84 -1.39 -19.21
CA LYS A 102 1.92 -1.93 -20.56
C LYS A 102 2.90 -1.14 -21.45
N ALA A 103 2.99 0.18 -21.23
CA ALA A 103 3.87 1.04 -22.04
C ALA A 103 5.29 0.75 -21.66
N GLY A 104 5.49 0.01 -20.56
CA GLY A 104 6.86 -0.15 -19.99
C GLY A 104 7.31 0.75 -18.87
N GLY A 105 6.49 1.71 -18.47
CA GLY A 105 6.84 2.70 -17.47
C GLY A 105 6.46 2.13 -16.09
N ALA A 106 6.87 2.87 -15.09
CA ALA A 106 6.55 2.62 -13.70
C ALA A 106 5.78 3.73 -13.17
N TYR A 107 4.67 3.44 -12.53
CA TYR A 107 3.93 4.56 -12.03
C TYR A 107 4.31 5.05 -10.68
N VAL A 108 3.99 6.33 -10.44
CA VAL A 108 4.28 6.99 -9.19
C VAL A 108 3.00 7.59 -8.65
N PRO A 109 2.43 6.96 -7.59
CA PRO A 109 1.15 7.54 -7.19
C PRO A 109 1.35 8.91 -6.56
N LEU A 110 0.50 9.82 -6.98
CA LEU A 110 0.46 11.19 -6.50
C LEU A 110 -0.92 11.47 -5.90
N ASP A 111 -0.97 11.35 -4.58
CA ASP A 111 -2.26 11.34 -3.93
C ASP A 111 -2.91 12.74 -3.99
N PRO A 112 -4.09 12.87 -4.59
CA PRO A 112 -4.70 14.19 -4.75
C PRO A 112 -4.99 14.94 -3.46
N THR A 113 -5.05 14.21 -2.34
CA THR A 113 -5.28 14.84 -1.09
C THR A 113 -4.08 15.44 -0.53
N TYR A 114 -2.87 15.12 -1.05
CA TYR A 114 -1.73 15.75 -0.50
C TYR A 114 -1.56 17.19 -0.94
N PRO A 115 -0.84 17.96 -0.15
CA PRO A 115 -0.67 19.38 -0.56
C PRO A 115 0.23 19.57 -1.73
N ARG A 116 0.03 20.67 -2.45
CA ARG A 116 0.79 21.00 -3.66
C ARG A 116 2.27 20.83 -3.46
N GLU A 117 2.78 21.31 -2.36
CA GLU A 117 4.22 21.36 -2.17
C GLU A 117 4.81 19.95 -2.14
N ARG A 118 4.08 19.05 -1.54
CA ARG A 118 4.52 17.66 -1.40
C ARG A 118 4.50 16.96 -2.72
N LEU A 119 3.42 17.12 -3.46
CA LEU A 119 3.31 16.54 -4.78
C LEU A 119 4.36 17.06 -5.77
N THR A 120 4.63 18.35 -5.72
CA THR A 120 5.55 18.96 -6.65
C THR A 120 6.95 18.46 -6.29
N TYR A 121 7.23 18.34 -5.00
CA TYR A 121 8.56 17.82 -4.57
C TYR A 121 8.72 16.39 -5.21
N MET A 122 7.73 15.55 -5.03
CA MET A 122 7.77 14.16 -5.62
C MET A 122 8.02 14.11 -7.12
N VAL A 123 7.30 14.96 -7.83
CA VAL A 123 7.44 15.11 -9.26
C VAL A 123 8.82 15.51 -9.65
N GLN A 124 9.38 16.46 -8.92
CA GLN A 124 10.77 16.92 -9.21
C GLN A 124 11.84 15.85 -8.83
N ASP A 125 11.70 15.30 -7.66
CA ASP A 125 12.59 14.18 -7.15
C ASP A 125 12.54 13.00 -8.12
N ALA A 126 11.37 12.59 -8.55
CA ALA A 126 11.22 11.47 -9.49
C ALA A 126 11.49 11.81 -10.90
N GLN A 127 11.68 13.10 -11.19
CA GLN A 127 11.83 13.57 -12.57
C GLN A 127 10.78 13.11 -13.52
N ILE A 128 9.52 13.31 -13.14
CA ILE A 128 8.42 12.91 -13.90
C ILE A 128 8.14 13.94 -15.01
N SER A 129 8.17 13.52 -16.25
CA SER A 129 7.76 14.39 -17.37
C SER A 129 6.47 13.91 -18.06
N VAL A 130 5.83 12.86 -17.52
CA VAL A 130 4.53 12.43 -18.07
C VAL A 130 3.62 12.23 -16.83
N LEU A 131 2.45 12.83 -16.88
CA LEU A 131 1.43 12.80 -15.81
C LEU A 131 0.10 12.35 -16.35
N VAL A 132 -0.43 11.26 -15.77
CA VAL A 132 -1.76 10.74 -16.12
C VAL A 132 -2.67 11.19 -15.05
N THR A 133 -3.66 12.00 -15.41
CA THR A 133 -4.46 12.64 -14.40
C THR A 133 -5.87 12.84 -14.93
N GLN A 134 -6.61 13.76 -14.32
CA GLN A 134 -7.92 14.13 -14.80
C GLN A 134 -8.07 15.67 -14.72
N THR A 135 -9.01 16.25 -15.47
CA THR A 135 -9.16 17.73 -15.44
C THR A 135 -9.37 18.28 -14.04
N GLN A 136 -10.07 17.55 -13.19
CA GLN A 136 -10.34 18.07 -11.85
C GLN A 136 -9.12 18.23 -10.98
N TRP A 137 -8.01 17.60 -11.36
CA TRP A 137 -6.78 17.73 -10.65
C TRP A 137 -5.78 18.69 -11.31
N SER A 138 -6.30 19.48 -12.26
N SER A 138 -6.19 19.38 -12.37
CA SER A 138 -5.60 20.67 -12.81
CA SER A 138 -5.30 20.43 -12.93
C SER A 138 -4.87 21.45 -11.73
C SER A 138 -4.85 21.37 -11.84
N ASN A 139 -3.69 21.97 -12.05
CA ASN A 139 -3.04 22.85 -11.08
C ASN A 139 -2.74 22.22 -9.75
N LEU A 140 -2.77 20.90 -9.65
CA LEU A 140 -2.17 20.36 -8.45
C LEU A 140 -0.60 20.32 -8.43
N ILE A 141 0.06 20.31 -9.58
CA ILE A 141 1.54 20.44 -9.60
C ILE A 141 1.94 21.90 -9.98
N SER A 142 2.88 22.46 -9.21
CA SER A 142 3.41 23.79 -9.46
C SER A 142 4.42 23.77 -10.57
N ASP A 143 4.22 24.63 -11.56
CA ASP A 143 5.26 24.90 -12.56
C ASP A 143 5.62 23.63 -13.34
N TYR A 144 4.64 22.78 -13.58
CA TYR A 144 4.89 21.51 -14.30
C TYR A 144 5.06 21.79 -15.79
N GLN A 145 6.17 21.39 -16.34
CA GLN A 145 6.42 21.60 -17.73
C GLN A 145 6.37 20.28 -18.53
N GLY A 146 5.90 19.19 -17.97
CA GLY A 146 5.93 17.91 -18.69
C GLY A 146 4.66 17.73 -19.50
N GLN A 147 4.45 16.51 -19.95
CA GLN A 147 3.27 16.11 -20.70
C GLN A 147 2.19 15.74 -19.71
N VAL A 148 0.97 16.14 -20.00
CA VAL A 148 -0.16 15.85 -19.15
C VAL A 148 -1.15 15.12 -20.00
N ILE A 149 -1.72 14.05 -19.47
CA ILE A 149 -2.88 13.40 -20.09
C ILE A 149 -4.04 13.41 -19.11
N CYS A 150 -5.19 13.96 -19.54
CA CYS A 150 -6.40 14.04 -18.76
C CYS A 150 -7.37 13.02 -19.29
N LEU A 151 -7.52 11.93 -18.53
CA LEU A 151 -8.27 10.78 -19.05
C LEU A 151 -9.72 11.05 -19.21
N ASP A 152 -10.26 11.95 -18.41
CA ASP A 152 -11.69 12.30 -18.51
C ASP A 152 -12.05 13.13 -19.77
N SER A 153 -11.16 13.97 -20.25
CA SER A 153 -11.49 14.84 -21.40
C SER A 153 -10.76 14.50 -22.67
N GLN A 154 -9.79 13.58 -22.62
CA GLN A 154 -9.07 13.23 -23.85
C GLN A 154 -9.36 11.86 -24.41
N TRP A 155 -10.49 11.31 -24.01
CA TRP A 155 -10.72 9.91 -24.38
C TRP A 155 -10.88 9.70 -25.92
N ALA A 156 -11.51 10.64 -26.63
CA ALA A 156 -11.57 10.56 -28.09
C ALA A 156 -10.19 10.45 -28.71
N LYS A 157 -9.23 11.20 -28.20
CA LYS A 157 -7.92 11.07 -28.74
C LYS A 157 -7.31 9.65 -28.41
N ILE A 158 -7.40 9.26 -27.18
CA ILE A 158 -6.81 8.00 -26.77
C ILE A 158 -7.47 6.87 -27.56
N ALA A 159 -8.74 6.99 -27.87
CA ALA A 159 -9.47 5.94 -28.65
C ALA A 159 -9.01 5.73 -30.14
N SER A 160 -8.20 6.64 -30.61
CA SER A 160 -7.60 6.53 -31.93
C SER A 160 -6.31 5.74 -31.92
N TYR A 161 -5.94 5.19 -30.75
CA TYR A 161 -4.63 4.47 -30.65
C TYR A 161 -4.93 2.99 -30.70
N SER A 162 -3.91 2.17 -30.88
CA SER A 162 -4.15 0.72 -31.15
C SER A 162 -4.67 -0.01 -29.91
N GLN A 163 -5.52 -0.98 -30.13
CA GLN A 163 -6.16 -1.74 -29.06
C GLN A 163 -5.36 -3.02 -28.79
N GLU A 164 -4.27 -3.23 -29.52
CA GLU A 164 -3.48 -4.45 -29.42
C GLU A 164 -2.47 -4.48 -28.23
N ASN A 165 -2.14 -5.71 -27.76
CA ASN A 165 -1.22 -5.79 -26.65
C ASN A 165 0.09 -5.34 -27.17
N LEU A 166 0.87 -4.64 -26.33
CA LEU A 166 2.21 -4.22 -26.72
C LEU A 166 3.12 -5.42 -26.49
N VAL A 167 4.24 -5.54 -27.18
CA VAL A 167 5.16 -6.65 -26.88
C VAL A 167 6.52 -6.14 -26.44
N ASN A 168 7.12 -6.84 -25.50
CA ASN A 168 8.53 -6.63 -25.15
C ASN A 168 8.84 -5.23 -24.74
N THR A 169 8.03 -4.66 -23.84
CA THR A 169 8.34 -3.32 -23.38
C THR A 169 9.19 -3.36 -22.14
N VAL A 170 9.16 -4.45 -21.37
CA VAL A 170 10.00 -4.59 -20.15
C VAL A 170 10.51 -5.93 -19.90
N ASN A 171 11.52 -5.94 -19.06
CA ASN A 171 12.03 -7.16 -18.50
C ASN A 171 11.61 -7.18 -17.01
N PRO A 172 11.69 -8.34 -16.36
CA PRO A 172 11.24 -8.48 -14.93
C PRO A 172 11.98 -7.60 -13.92
N GLU A 173 13.24 -7.27 -14.20
N GLU A 173 13.22 -7.24 -14.24
CA GLU A 173 13.99 -6.45 -13.31
CA GLU A 173 14.01 -6.44 -13.37
C GLU A 173 13.71 -4.97 -13.52
C GLU A 173 13.67 -4.98 -13.51
N ASN A 174 12.94 -4.60 -14.54
CA ASN A 174 12.50 -3.18 -14.71
C ASN A 174 11.43 -2.80 -13.65
N LEU A 175 11.37 -1.49 -13.31
CA LEU A 175 10.40 -1.01 -12.34
C LEU A 175 9.00 -1.16 -12.82
N ALA A 176 8.12 -1.48 -11.88
CA ALA A 176 6.65 -1.46 -12.06
C ALA A 176 6.07 -0.21 -11.37
N TYR A 177 6.50 0.12 -10.17
CA TYR A 177 6.05 1.33 -9.46
C TYR A 177 7.08 1.85 -8.48
N VAL A 178 6.93 3.13 -8.18
CA VAL A 178 7.75 3.81 -7.18
C VAL A 178 6.75 4.49 -6.30
N ILE A 179 6.70 4.05 -5.05
CA ILE A 179 5.73 4.50 -4.11
C ILE A 179 6.40 5.23 -2.95
N TYR A 180 5.98 6.46 -2.66
CA TYR A 180 6.62 7.27 -1.64
C TYR A 180 6.15 6.91 -0.27
N THR A 181 7.06 6.90 0.68
CA THR A 181 6.74 6.70 2.05
C THR A 181 7.43 7.83 2.88
N SER A 182 6.99 7.95 4.12
CA SER A 182 7.45 9.03 5.01
C SER A 182 8.94 8.94 5.20
N GLY A 183 9.62 10.08 5.31
CA GLY A 183 11.09 10.07 5.43
C GLY A 183 11.52 10.86 6.66
N SER A 184 12.24 10.21 7.56
CA SER A 184 12.55 10.83 8.86
C SER A 184 13.46 12.09 8.72
N THR A 185 14.18 12.25 7.59
CA THR A 185 15.09 13.38 7.40
C THR A 185 14.36 14.64 6.91
N GLY A 186 13.09 14.46 6.57
CA GLY A 186 12.19 15.58 6.38
C GLY A 186 11.45 15.69 5.07
N LYS A 187 11.73 14.77 4.14
CA LYS A 187 10.92 14.60 2.90
C LYS A 187 10.69 13.12 2.75
N PRO A 188 9.57 12.75 2.15
CA PRO A 188 9.39 11.34 1.80
C PRO A 188 10.43 10.86 0.78
N LYS A 189 10.47 9.52 0.62
CA LYS A 189 11.25 8.84 -0.39
C LYS A 189 10.56 7.68 -1.07
N GLY A 190 10.93 7.46 -2.34
CA GLY A 190 10.31 6.51 -3.24
C GLY A 190 10.91 5.13 -3.05
N VAL A 191 10.04 4.16 -2.75
CA VAL A 191 10.41 2.75 -2.73
C VAL A 191 10.21 2.18 -4.09
N MET A 192 11.28 1.71 -4.71
CA MET A 192 11.28 1.23 -6.05
C MET A 192 11.00 -0.28 -6.10
N ILE A 193 9.91 -0.58 -6.78
CA ILE A 193 9.48 -1.97 -6.92
C ILE A 193 9.58 -2.46 -8.32
N GLU A 194 10.25 -3.59 -8.47
CA GLU A 194 10.41 -4.19 -9.81
C GLU A 194 9.28 -5.18 -10.12
N HIS A 195 9.00 -5.34 -11.42
CA HIS A 195 7.93 -6.28 -11.89
C HIS A 195 8.18 -7.64 -11.23
N GLN A 196 9.42 -8.09 -11.22
CA GLN A 196 9.65 -9.45 -10.74
C GLN A 196 9.13 -9.73 -9.31
N SER A 197 9.32 -8.80 -8.40
CA SER A 197 8.88 -9.03 -6.98
C SER A 197 7.42 -8.89 -6.89
N LEU A 198 6.84 -7.96 -7.66
CA LEU A 198 5.38 -7.76 -7.65
C LEU A 198 4.68 -8.96 -8.28
N VAL A 199 5.25 -9.51 -9.37
CA VAL A 199 4.68 -10.69 -9.97
C VAL A 199 4.74 -11.89 -9.01
N ASN A 200 5.87 -12.04 -8.36
CA ASN A 200 6.01 -13.11 -7.34
C ASN A 200 4.94 -12.96 -6.27
N PHE A 201 4.86 -11.77 -5.69
CA PHE A 201 3.88 -11.51 -4.70
C PHE A 201 2.49 -11.85 -5.16
N THR A 202 2.15 -11.42 -6.37
CA THR A 202 0.81 -11.52 -6.81
C THR A 202 0.42 -13.02 -6.95
N LYS A 203 1.32 -13.80 -7.53
N LYS A 203 1.30 -13.80 -7.58
CA LYS A 203 1.06 -15.21 -7.72
CA LYS A 203 1.09 -15.23 -7.71
C LYS A 203 1.01 -16.02 -6.43
C LYS A 203 0.92 -15.91 -6.34
N LEU A 204 1.87 -15.66 -5.46
CA LEU A 204 1.75 -16.24 -4.12
C LEU A 204 0.46 -15.91 -3.42
N ALA A 205 -0.01 -14.66 -3.52
CA ALA A 205 -1.15 -14.21 -2.82
C ALA A 205 -2.42 -14.81 -3.39
N ILE A 206 -2.52 -14.92 -4.71
CA ILE A 206 -3.67 -15.58 -5.34
C ILE A 206 -3.85 -17.02 -4.75
N ALA A 207 -2.75 -17.75 -4.70
CA ALA A 207 -2.69 -19.15 -4.13
C ALA A 207 -2.95 -19.13 -2.62
N GLN A 208 -2.40 -18.19 -1.85
CA GLN A 208 -2.67 -18.14 -0.40
C GLN A 208 -4.10 -17.80 -0.07
N TYR A 209 -4.73 -16.85 -0.80
CA TYR A 209 -6.11 -16.45 -0.49
C TYR A 209 -7.14 -17.27 -1.22
N GLN A 210 -6.68 -18.10 -2.16
CA GLN A 210 -7.50 -18.92 -3.01
C GLN A 210 -8.51 -18.09 -3.83
N ILE A 211 -8.00 -17.04 -4.46
CA ILE A 211 -8.93 -16.16 -5.25
C ILE A 211 -9.33 -16.90 -6.46
N THR A 212 -10.63 -16.87 -6.83
CA THR A 212 -11.12 -17.49 -8.02
C THR A 212 -11.93 -16.50 -8.81
N THR A 213 -12.39 -16.96 -9.97
CA THR A 213 -13.18 -16.15 -10.86
C THR A 213 -14.55 -15.81 -10.26
N SER A 214 -14.95 -16.50 -9.19
CA SER A 214 -16.17 -16.15 -8.47
C SER A 214 -16.00 -15.06 -7.45
N ASP A 215 -14.78 -14.66 -7.10
CA ASP A 215 -14.64 -13.66 -6.04
C ASP A 215 -15.00 -12.22 -6.50
N ARG A 216 -15.41 -11.40 -5.55
CA ARG A 216 -15.69 -10.03 -5.78
C ARG A 216 -14.98 -9.31 -4.62
N THR A 217 -13.93 -8.56 -4.97
CA THR A 217 -13.00 -8.02 -3.97
C THR A 217 -13.15 -6.51 -3.90
N LEU A 218 -13.25 -5.96 -2.70
CA LEU A 218 -13.49 -4.55 -2.58
C LEU A 218 -12.18 -3.82 -2.57
N GLN A 219 -12.07 -2.82 -3.45
CA GLN A 219 -10.85 -2.05 -3.51
C GLN A 219 -11.02 -0.89 -2.56
N PHE A 220 -10.22 -0.84 -1.53
CA PHE A 220 -10.46 -0.02 -0.38
C PHE A 220 -9.46 1.14 -0.31
N VAL A 221 -8.21 0.82 -0.36
CA VAL A 221 -7.24 1.77 0.03
C VAL A 221 -6.77 2.59 -1.19
N SER A 222 -6.32 3.83 -0.92
CA SER A 222 -5.71 4.66 -1.91
C SER A 222 -4.47 3.98 -2.50
N ILE A 223 -4.18 4.22 -3.79
CA ILE A 223 -2.95 3.81 -4.47
C ILE A 223 -1.67 4.43 -3.91
N SER A 224 -1.84 5.36 -2.98
CA SER A 224 -0.72 5.79 -2.09
C SER A 224 -0.14 4.74 -1.16
N PHE A 225 -0.92 3.66 -0.93
N PHE A 225 -0.86 3.62 -1.00
CA PHE A 225 -0.60 2.52 -0.04
CA PHE A 225 -0.43 2.57 -0.12
C PHE A 225 -0.32 1.32 -0.98
C PHE A 225 -0.35 1.29 -0.95
N ASP A 226 0.75 0.58 -0.78
CA ASP A 226 1.04 -0.54 -1.65
C ASP A 226 0.00 -1.64 -1.57
N VAL A 227 -0.81 -1.67 -0.52
CA VAL A 227 -1.92 -2.64 -0.41
C VAL A 227 -2.94 -2.52 -1.52
N ALA A 228 -3.10 -1.32 -2.07
CA ALA A 228 -3.99 -1.16 -3.25
C ALA A 228 -3.52 -2.09 -4.38
N ALA A 229 -2.21 -2.27 -4.53
CA ALA A 229 -1.66 -3.23 -5.56
C ALA A 229 -2.06 -4.67 -5.28
N GLU A 230 -2.11 -5.07 -4.03
CA GLU A 230 -2.62 -6.37 -3.70
C GLU A 230 -4.07 -6.47 -4.13
N GLU A 231 -4.88 -5.52 -3.69
CA GLU A 231 -6.31 -5.53 -4.07
C GLU A 231 -6.56 -5.53 -5.58
N ILE A 232 -5.80 -4.73 -6.31
CA ILE A 232 -5.98 -4.63 -7.76
C ILE A 232 -5.44 -5.83 -8.52
N TYR A 233 -4.18 -6.15 -8.35
CA TYR A 233 -3.54 -7.16 -9.20
C TYR A 233 -3.90 -8.60 -8.78
N VAL A 234 -4.04 -8.89 -7.48
CA VAL A 234 -4.57 -10.21 -7.05
C VAL A 234 -5.88 -10.56 -7.70
N THR A 235 -6.76 -9.56 -7.72
CA THR A 235 -8.07 -9.72 -8.24
C THR A 235 -8.03 -9.86 -9.76
N LEU A 236 -7.36 -8.94 -10.45
CA LEU A 236 -7.45 -8.95 -11.93
C LEU A 236 -6.60 -10.10 -12.53
N CYS A 237 -5.54 -10.55 -11.86
CA CYS A 237 -4.71 -11.59 -12.45
C CYS A 237 -5.25 -12.99 -12.16
N SER A 238 -6.33 -13.07 -11.43
CA SER A 238 -7.05 -14.34 -11.16
C SER A 238 -8.39 -14.40 -11.80
N GLY A 239 -8.84 -13.33 -12.42
CA GLY A 239 -10.20 -13.33 -13.05
C GLY A 239 -11.40 -13.00 -12.18
N ALA A 240 -11.15 -12.49 -10.98
CA ALA A 240 -12.16 -12.15 -10.03
C ALA A 240 -12.70 -10.75 -10.49
N THR A 241 -13.66 -10.20 -9.80
CA THR A 241 -14.22 -8.85 -10.08
C THR A 241 -13.73 -7.89 -9.00
N LEU A 242 -13.22 -6.73 -9.45
CA LEU A 242 -12.72 -5.72 -8.59
C LEU A 242 -13.84 -4.68 -8.44
N ILE A 243 -14.24 -4.41 -7.23
CA ILE A 243 -15.31 -3.45 -6.94
C ILE A 243 -14.70 -2.29 -6.24
N LEU A 244 -14.82 -1.13 -6.85
CA LEU A 244 -14.21 0.09 -6.32
C LEU A 244 -15.12 0.77 -5.34
N ARG A 245 -14.63 1.05 -4.15
CA ARG A 245 -15.45 1.69 -3.10
C ARG A 245 -15.70 3.20 -3.41
N THR A 246 -16.56 3.80 -2.59
CA THR A 246 -16.83 5.25 -2.57
C THR A 246 -16.28 5.81 -1.30
N GLU A 247 -16.20 7.14 -1.18
CA GLU A 247 -15.80 7.77 0.07
C GLU A 247 -16.91 7.63 1.13
N GLU A 248 -18.14 7.75 0.66
CA GLU A 248 -19.24 7.76 1.57
C GLU A 248 -19.50 6.42 2.27
N MET A 249 -19.15 5.31 1.63
CA MET A 249 -19.47 4.00 2.24
C MET A 249 -18.60 3.70 3.44
N ILE A 250 -17.41 4.30 3.57
CA ILE A 250 -16.55 3.98 4.77
C ILE A 250 -16.81 4.69 6.09
N SER A 251 -17.48 5.83 6.04
CA SER A 251 -17.65 6.72 7.20
C SER A 251 -18.76 6.22 8.14
N SER A 252 -19.54 5.23 7.69
CA SER A 252 -20.56 4.56 8.47
C SER A 252 -20.29 3.04 8.30
N ILE A 253 -19.91 2.37 9.37
CA ILE A 253 -19.78 0.88 9.34
C ILE A 253 -21.08 0.21 8.89
N PRO A 254 -22.24 0.68 9.43
CA PRO A 254 -23.49 0.12 8.89
C PRO A 254 -23.62 0.21 7.37
N SER A 255 -23.32 1.38 6.81
CA SER A 255 -23.31 1.57 5.38
C SER A 255 -22.25 0.70 4.69
N PHE A 256 -21.04 0.66 5.28
CA PHE A 256 -19.97 -0.13 4.67
C PHE A 256 -20.40 -1.59 4.50
N VAL A 257 -21.03 -2.10 5.57
CA VAL A 257 -21.59 -3.50 5.52
C VAL A 257 -22.73 -3.68 4.60
N GLN A 258 -23.69 -2.73 4.59
CA GLN A 258 -24.82 -2.88 3.69
C GLN A 258 -24.41 -2.79 2.21
N LYS A 259 -23.50 -1.88 1.90
CA LYS A 259 -23.09 -1.75 0.53
C LYS A 259 -22.34 -3.02 0.08
N SER A 260 -21.61 -3.61 1.00
CA SER A 260 -20.89 -4.83 0.70
C SER A 260 -21.87 -5.97 0.48
N GLN A 261 -22.92 -6.01 1.30
CA GLN A 261 -24.02 -6.92 1.01
C GLN A 261 -24.68 -6.69 -0.37
N ASP A 262 -25.07 -5.47 -0.69
CA ASP A 262 -25.68 -5.14 -1.98
C ASP A 262 -24.80 -5.56 -3.14
N TRP A 263 -23.49 -5.28 -3.02
CA TRP A 263 -22.53 -5.67 -4.07
C TRP A 263 -22.18 -7.17 -4.06
N GLN A 264 -22.63 -7.88 -3.05
CA GLN A 264 -22.20 -9.28 -2.85
C GLN A 264 -20.68 -9.52 -2.85
N ILE A 265 -19.98 -8.72 -2.04
CA ILE A 265 -18.56 -8.79 -1.86
C ILE A 265 -18.14 -10.09 -1.18
N THR A 266 -17.13 -10.75 -1.72
CA THR A 266 -16.66 -12.00 -1.07
C THR A 266 -15.38 -11.81 -0.30
N VAL A 267 -14.57 -10.77 -0.63
CA VAL A 267 -13.32 -10.54 -0.02
C VAL A 267 -13.19 -9.07 0.37
N TRP A 268 -12.85 -8.86 1.64
CA TRP A 268 -12.50 -7.55 2.20
C TRP A 268 -11.06 -7.52 2.51
N SER A 269 -10.46 -6.36 2.20
CA SER A 269 -9.09 -6.09 2.49
C SER A 269 -9.08 -4.78 3.23
N LEU A 270 -8.82 -4.83 4.53
CA LEU A 270 -9.03 -3.73 5.45
C LEU A 270 -7.80 -3.42 6.17
N PRO A 271 -7.47 -2.16 6.25
CA PRO A 271 -6.53 -1.67 7.20
C PRO A 271 -6.96 -2.13 8.62
N THR A 272 -5.99 -2.57 9.40
CA THR A 272 -6.27 -3.10 10.72
C THR A 272 -7.06 -2.11 11.58
N ALA A 273 -6.64 -0.85 11.58
CA ALA A 273 -7.35 0.18 12.39
C ALA A 273 -8.81 0.27 11.97
N TYR A 274 -9.10 0.10 10.70
CA TYR A 274 -10.50 0.04 10.27
C TYR A 274 -11.23 -1.20 10.74
N TRP A 275 -10.60 -2.35 10.62
CA TRP A 275 -11.24 -3.58 11.08
C TRP A 275 -11.54 -3.47 12.62
N HIS A 276 -10.63 -2.90 13.39
CA HIS A 276 -10.83 -2.68 14.86
C HIS A 276 -12.15 -1.88 15.06
N LEU A 277 -12.34 -0.83 14.26
CA LEU A 277 -13.58 0.01 14.32
C LEU A 277 -14.77 -0.84 13.98
N LEU A 278 -14.60 -1.69 12.97
CA LEU A 278 -15.68 -2.52 12.51
C LEU A 278 -16.09 -3.59 13.53
N VAL A 279 -15.11 -4.20 14.16
CA VAL A 279 -15.35 -5.16 15.21
C VAL A 279 -16.14 -4.49 16.34
N ASN A 280 -15.65 -3.36 16.84
CA ASN A 280 -16.40 -2.56 17.86
C ASN A 280 -17.89 -2.32 17.52
N GLU A 281 -18.16 -1.85 16.31
CA GLU A 281 -19.54 -1.56 15.90
C GLU A 281 -20.41 -2.83 15.60
N LEU A 282 -19.78 -3.85 15.01
CA LEU A 282 -20.46 -5.13 14.82
C LEU A 282 -21.06 -5.56 16.11
N VAL A 283 -20.31 -5.51 17.18
CA VAL A 283 -20.85 -6.08 18.42
C VAL A 283 -21.83 -5.16 19.15
N LYS A 284 -21.47 -3.88 19.26
CA LYS A 284 -22.34 -2.88 19.85
C LYS A 284 -23.69 -2.85 19.12
N SER A 285 -23.74 -3.04 17.82
CA SER A 285 -25.02 -2.90 17.11
C SER A 285 -25.59 -4.19 16.58
N LYS A 286 -24.97 -5.32 16.92
CA LYS A 286 -25.37 -6.62 16.32
C LYS A 286 -25.78 -6.49 14.84
N ILE A 287 -24.79 -6.10 14.04
CA ILE A 287 -24.96 -6.02 12.60
C ILE A 287 -24.54 -7.36 12.08
N ALA A 288 -25.25 -7.89 11.10
CA ALA A 288 -24.84 -9.14 10.46
C ALA A 288 -23.85 -8.86 9.30
N LEU A 289 -22.89 -9.74 9.10
CA LEU A 289 -21.92 -9.55 8.03
C LEU A 289 -22.58 -9.91 6.73
N PRO A 290 -22.06 -9.38 5.57
CA PRO A 290 -22.62 -9.73 4.29
C PRO A 290 -22.64 -11.25 4.15
N ASP A 291 -23.73 -11.78 3.63
CA ASP A 291 -23.85 -13.24 3.42
C ASP A 291 -22.79 -13.79 2.44
N SER A 292 -22.31 -12.95 1.52
CA SER A 292 -21.36 -13.39 0.52
C SER A 292 -19.90 -13.40 0.98
N LEU A 293 -19.60 -12.77 2.08
CA LEU A 293 -18.24 -12.52 2.48
C LEU A 293 -17.57 -13.78 3.04
N ARG A 294 -16.48 -14.23 2.43
CA ARG A 294 -15.74 -15.43 2.85
C ARG A 294 -14.39 -15.15 3.50
N LEU A 295 -13.80 -13.97 3.29
CA LEU A 295 -12.43 -13.73 3.65
C LEU A 295 -12.24 -12.26 3.99
N VAL A 296 -11.61 -12.05 5.12
CA VAL A 296 -11.25 -10.73 5.57
C VAL A 296 -9.74 -10.73 5.77
N ILE A 297 -9.05 -9.86 5.03
CA ILE A 297 -7.59 -9.70 5.14
C ILE A 297 -7.27 -8.39 5.79
N ILE A 298 -6.50 -8.40 6.89
CA ILE A 298 -6.18 -7.21 7.66
C ILE A 298 -4.75 -7.11 7.69
N GLY A 299 -4.28 -5.89 7.96
CA GLY A 299 -2.83 -5.76 8.18
C GLY A 299 -2.46 -4.31 8.22
N GLY A 300 -1.22 -4.04 8.58
CA GLY A 300 -0.75 -2.67 8.53
C GLY A 300 -0.38 -2.18 9.90
N GLU A 301 -1.01 -2.74 10.90
CA GLU A 301 -0.53 -2.49 12.26
C GLU A 301 -0.90 -3.57 13.24
N ARG A 302 -0.48 -3.39 14.48
CA ARG A 302 -0.61 -4.41 15.49
C ARG A 302 -2.09 -4.69 15.81
N VAL A 303 -2.54 -5.93 15.66
CA VAL A 303 -3.89 -6.24 15.91
C VAL A 303 -4.10 -6.42 17.40
N GLN A 304 -5.21 -5.87 17.92
CA GLN A 304 -5.54 -5.88 19.35
C GLN A 304 -6.12 -7.24 19.70
N PRO A 305 -5.44 -7.99 20.55
CA PRO A 305 -5.94 -9.32 20.90
C PRO A 305 -7.39 -9.32 21.44
N GLU A 306 -7.76 -8.26 22.16
CA GLU A 306 -9.11 -8.17 22.74
C GLU A 306 -10.15 -8.10 21.65
N LEU A 307 -9.84 -7.41 20.54
CA LEU A 307 -10.81 -7.38 19.43
C LEU A 307 -10.79 -8.68 18.63
N VAL A 308 -9.66 -9.35 18.56
CA VAL A 308 -9.65 -10.66 17.93
C VAL A 308 -10.57 -11.62 18.74
N ARG A 309 -10.39 -11.62 20.06
CA ARG A 309 -11.28 -12.48 20.88
C ARG A 309 -12.72 -12.13 20.67
N MET A 310 -13.02 -10.86 20.70
CA MET A 310 -14.38 -10.45 20.41
C MET A 310 -14.93 -10.87 19.01
N TRP A 311 -14.08 -10.84 17.97
CA TRP A 311 -14.49 -11.33 16.66
C TRP A 311 -14.83 -12.80 16.72
N PHE A 312 -14.00 -13.63 17.32
CA PHE A 312 -14.29 -15.05 17.34
C PHE A 312 -15.56 -15.39 18.15
N LYS A 313 -15.75 -14.63 19.22
CA LYS A 313 -16.95 -14.79 20.06
C LYS A 313 -18.23 -14.37 19.34
N ASN A 314 -18.19 -13.30 18.56
CA ASN A 314 -19.41 -12.84 17.92
C ASN A 314 -19.61 -13.31 16.52
N VAL A 315 -18.51 -13.57 15.80
CA VAL A 315 -18.63 -13.93 14.41
C VAL A 315 -18.31 -15.39 14.20
N GLY A 316 -17.30 -15.91 14.86
CA GLY A 316 -16.92 -17.34 14.68
C GLY A 316 -15.88 -17.45 13.58
N ASN A 317 -15.79 -18.64 12.98
CA ASN A 317 -14.68 -18.95 12.12
C ASN A 317 -14.93 -18.61 10.70
N PHE A 318 -16.10 -18.09 10.37
CA PHE A 318 -16.44 -17.71 9.01
C PHE A 318 -17.11 -16.36 9.04
N PRO A 319 -16.68 -15.43 8.19
CA PRO A 319 -15.54 -15.51 7.23
C PRO A 319 -14.11 -15.75 7.80
N GLU A 320 -13.24 -16.31 6.96
N GLU A 320 -13.22 -16.34 7.00
CA GLU A 320 -11.82 -16.51 7.22
CA GLU A 320 -11.88 -16.56 7.46
C GLU A 320 -11.21 -15.14 7.57
C GLU A 320 -11.27 -15.17 7.65
N LEU A 321 -10.36 -15.06 8.60
CA LEU A 321 -9.67 -13.82 8.96
C LEU A 321 -8.18 -14.01 8.88
N ILE A 322 -7.54 -13.23 8.02
CA ILE A 322 -6.08 -13.38 7.89
C ILE A 322 -5.35 -12.09 8.29
N ASN A 323 -4.28 -12.21 9.05
CA ASN A 323 -3.37 -11.12 9.41
C ASN A 323 -2.16 -11.18 8.50
N VAL A 324 -1.92 -10.12 7.74
CA VAL A 324 -0.81 -10.07 6.82
C VAL A 324 0.21 -8.98 7.29
N TYR A 325 1.50 -9.29 7.16
CA TYR A 325 2.56 -8.41 7.47
C TYR A 325 3.51 -8.18 6.31
N GLY A 326 3.89 -6.94 6.14
CA GLY A 326 5.03 -6.67 5.29
C GLY A 326 5.31 -5.18 5.22
N PRO A 327 6.60 -4.77 5.17
CA PRO A 327 6.82 -3.38 4.76
C PRO A 327 6.77 -3.19 3.24
N THR A 328 6.59 -1.94 2.85
CA THR A 328 6.62 -1.55 1.43
C THR A 328 7.83 -2.06 0.70
N GLU A 329 8.95 -1.99 1.37
CA GLU A 329 10.27 -2.46 0.86
C GLU A 329 10.42 -3.93 0.61
N GLY A 330 9.44 -4.69 1.06
CA GLY A 330 9.29 -6.11 0.78
C GLY A 330 8.11 -6.46 -0.10
N THR A 331 7.68 -5.50 -0.89
CA THR A 331 6.63 -5.71 -1.87
C THR A 331 5.33 -6.26 -1.26
N ILE A 332 4.73 -5.45 -0.43
CA ILE A 332 3.32 -5.52 -0.02
C ILE A 332 3.20 -6.47 1.23
N ALA A 333 3.59 -7.74 1.13
CA ALA A 333 3.51 -8.61 2.32
C ALA A 333 4.51 -9.69 2.18
N VAL A 334 5.03 -10.11 3.34
CA VAL A 334 5.97 -11.25 3.39
C VAL A 334 5.51 -12.38 4.27
N SER A 335 4.52 -12.16 5.11
N SER A 335 4.59 -12.11 5.18
CA SER A 335 4.09 -13.22 6.01
CA SER A 335 4.07 -13.12 6.09
C SER A 335 2.67 -12.97 6.46
C SER A 335 2.55 -13.02 6.18
N LEU A 336 1.95 -14.07 6.71
N LEU A 336 1.92 -14.09 6.70
CA LEU A 336 0.59 -14.01 7.14
CA LEU A 336 0.50 -14.12 6.95
C LEU A 336 0.26 -15.14 8.11
C LEU A 336 0.17 -15.20 8.00
N CYS A 337 -0.85 -14.94 8.79
CA CYS A 337 -1.29 -15.86 9.84
C CYS A 337 -2.77 -15.97 9.66
N ARG A 338 -3.25 -17.21 9.48
CA ARG A 338 -4.71 -17.42 9.46
C ARG A 338 -5.25 -17.47 10.87
N LEU A 339 -5.81 -16.34 11.31
CA LEU A 339 -6.28 -16.23 12.68
C LEU A 339 -7.40 -17.20 13.01
N SER A 340 -8.28 -17.47 12.06
N SER A 340 -8.26 -17.47 12.04
CA SER A 340 -9.41 -18.37 12.24
CA SER A 340 -9.41 -18.35 12.20
C SER A 340 -8.95 -19.81 12.50
C SER A 340 -9.02 -19.84 12.21
N GLN A 341 -7.73 -20.13 12.08
CA GLN A 341 -7.19 -21.47 12.20
C GLN A 341 -6.39 -21.62 13.50
N LEU A 342 -6.18 -20.51 14.24
CA LEU A 342 -5.45 -20.60 15.48
C LEU A 342 -6.34 -21.33 16.51
N THR A 343 -5.68 -22.02 17.40
CA THR A 343 -6.39 -22.54 18.56
C THR A 343 -6.78 -21.46 19.55
N GLU A 344 -7.52 -21.90 20.55
CA GLU A 344 -8.07 -21.09 21.59
C GLU A 344 -6.93 -20.46 22.34
N SER A 345 -5.88 -21.22 22.64
CA SER A 345 -4.81 -20.65 23.41
C SER A 345 -3.76 -19.91 22.57
N GLN A 346 -3.60 -20.24 21.29
CA GLN A 346 -2.72 -19.46 20.42
C GLN A 346 -3.23 -18.01 20.24
N ARG A 347 -4.49 -17.78 20.58
CA ARG A 347 -5.26 -16.54 20.47
C ARG A 347 -5.46 -15.84 21.79
N ASN A 348 -4.92 -16.43 22.85
CA ASN A 348 -5.08 -15.89 24.17
C ASN A 348 -3.77 -15.37 24.62
N ARG A 349 -2.80 -15.24 23.71
CA ARG A 349 -1.55 -14.64 24.08
C ARG A 349 -1.74 -13.14 24.04
N THR A 350 -0.74 -12.41 24.46
CA THR A 350 -0.81 -10.94 24.45
C THR A 350 -0.43 -10.41 23.09
N GLU A 351 0.13 -11.27 22.24
CA GLU A 351 0.31 -10.88 20.84
C GLU A 351 -0.36 -11.86 19.96
N ILE A 352 -1.02 -11.36 18.92
CA ILE A 352 -1.53 -12.20 17.84
C ILE A 352 -0.41 -12.37 16.78
N PRO A 353 -0.19 -13.58 16.25
CA PRO A 353 0.96 -13.67 15.36
C PRO A 353 0.75 -13.03 13.99
N ILE A 354 1.87 -12.69 13.39
CA ILE A 354 1.93 -12.35 11.98
C ILE A 354 2.30 -13.53 11.10
N GLY A 355 2.59 -14.69 11.70
CA GLY A 355 2.70 -15.99 11.02
C GLY A 355 3.99 -16.38 10.34
N LYS A 356 3.85 -16.85 9.09
CA LYS A 356 4.91 -17.49 8.34
C LYS A 356 5.02 -16.88 6.97
N SER A 357 6.18 -17.08 6.34
CA SER A 357 6.41 -16.50 5.00
C SER A 357 5.37 -16.88 3.97
N LEU A 358 5.12 -15.93 3.05
CA LEU A 358 4.13 -16.10 1.99
C LEU A 358 4.60 -17.18 1.05
N GLY A 359 5.89 -17.40 0.98
CA GLY A 359 6.37 -18.42 0.06
C GLY A 359 7.81 -18.75 0.25
N GLU A 360 8.25 -19.83 -0.39
CA GLU A 360 9.63 -20.32 -0.17
C GLU A 360 10.74 -19.36 -0.63
N ASN A 361 10.49 -18.60 -1.69
CA ASN A 361 11.48 -17.60 -2.15
C ASN A 361 11.49 -16.27 -1.38
N ILE A 362 10.72 -16.19 -0.31
CA ILE A 362 10.72 -15.05 0.58
C ILE A 362 11.17 -15.50 1.98
N SER A 363 12.23 -14.91 2.50
CA SER A 363 12.72 -15.28 3.83
C SER A 363 12.41 -14.21 4.78
N VAL A 364 11.84 -14.55 5.95
CA VAL A 364 11.55 -13.55 6.92
C VAL A 364 12.38 -14.04 8.13
N TYR A 365 13.50 -13.38 8.38
CA TYR A 365 14.40 -13.83 9.47
C TYR A 365 14.24 -12.98 10.72
N VAL A 366 14.52 -13.61 11.85
CA VAL A 366 14.73 -12.87 13.09
C VAL A 366 16.21 -13.01 13.35
N LEU A 367 16.96 -11.91 13.28
CA LEU A 367 18.39 -11.99 13.43
C LEU A 367 18.89 -11.19 14.59
N ASP A 368 20.05 -11.60 15.11
CA ASP A 368 20.70 -10.84 16.20
C ASP A 368 21.53 -9.71 15.57
N GLU A 369 22.30 -9.04 16.42
N GLU A 369 22.27 -8.98 16.39
CA GLU A 369 22.97 -7.81 16.05
CA GLU A 369 22.95 -7.77 15.93
C GLU A 369 24.15 -8.01 15.07
C GLU A 369 24.13 -8.01 14.97
N THR A 370 24.49 -9.27 14.78
CA THR A 370 25.52 -9.66 13.82
C THR A 370 24.93 -10.53 12.67
N LEU A 371 23.59 -10.43 12.45
CA LEU A 371 22.93 -11.09 11.31
C LEU A 371 22.90 -12.63 11.34
N LYS A 372 23.01 -13.19 12.56
CA LYS A 372 22.87 -14.63 12.74
C LYS A 372 21.45 -14.93 13.17
N THR A 373 20.91 -16.01 12.67
CA THR A 373 19.66 -16.54 13.19
C THR A 373 19.79 -16.89 14.67
N VAL A 374 18.68 -17.01 15.36
CA VAL A 374 18.68 -17.16 16.80
C VAL A 374 17.79 -18.32 17.19
N PRO A 375 17.94 -18.85 18.42
CA PRO A 375 17.05 -19.99 18.78
C PRO A 375 15.58 -19.59 18.78
N PRO A 376 14.67 -20.54 18.54
CA PRO A 376 13.27 -20.23 18.68
C PRO A 376 12.99 -19.51 20.01
N GLU A 377 12.10 -18.51 19.95
CA GLU A 377 11.60 -17.75 21.08
C GLU A 377 12.54 -16.69 21.53
N THR A 378 13.67 -16.58 20.86
CA THR A 378 14.51 -15.44 21.08
C THR A 378 14.14 -14.24 20.17
N PRO A 379 13.99 -13.07 20.78
CA PRO A 379 13.66 -11.84 20.14
C PRO A 379 14.86 -11.31 19.39
N GLY A 380 14.61 -10.76 18.23
CA GLY A 380 15.67 -10.10 17.48
C GLY A 380 15.01 -9.12 16.55
N GLU A 381 15.75 -8.71 15.53
CA GLU A 381 15.20 -7.76 14.52
C GLU A 381 14.78 -8.49 13.23
N ILE A 382 13.63 -8.12 12.67
CA ILE A 382 13.15 -8.78 11.47
C ILE A 382 13.90 -8.24 10.23
N TYR A 383 14.43 -9.20 9.45
CA TYR A 383 15.12 -8.92 8.19
C TYR A 383 14.44 -9.70 7.10
N ILE A 384 14.17 -9.06 5.97
CA ILE A 384 13.61 -9.79 4.83
C ILE A 384 14.67 -10.09 3.76
N GLY A 385 14.62 -11.27 3.17
CA GLY A 385 15.47 -11.72 2.06
C GLY A 385 14.71 -12.33 0.94
N GLY A 386 15.37 -12.53 -0.20
CA GLY A 386 14.81 -13.15 -1.33
C GLY A 386 13.99 -12.23 -2.25
N THR A 387 12.96 -12.81 -2.85
CA THR A 387 12.31 -12.28 -4.03
C THR A 387 11.48 -11.06 -3.74
N ALA A 388 11.16 -10.88 -2.49
CA ALA A 388 10.30 -9.78 -2.05
C ALA A 388 10.96 -8.41 -2.13
N LEU A 389 12.29 -8.35 -2.19
CA LEU A 389 12.96 -7.06 -1.96
C LEU A 389 12.71 -6.07 -3.08
N ALA A 390 12.45 -4.83 -2.69
CA ALA A 390 12.53 -3.69 -3.54
C ALA A 390 13.96 -3.56 -4.04
N ARG A 391 14.07 -2.85 -5.14
CA ARG A 391 15.37 -2.51 -5.66
C ARG A 391 16.08 -1.61 -4.67
N GLY A 392 15.36 -0.71 -4.01
CA GLY A 392 15.95 0.30 -3.14
C GLY A 392 15.12 1.55 -3.07
N TYR A 393 15.72 2.63 -2.58
CA TYR A 393 15.06 3.90 -2.48
C TYR A 393 15.53 4.77 -3.62
N LEU A 394 14.62 5.49 -4.22
CA LEU A 394 14.95 6.33 -5.30
C LEU A 394 15.80 7.54 -4.80
N ASN A 395 16.97 7.76 -5.36
CA ASN A 395 17.77 8.97 -5.07
C ASN A 395 18.13 9.17 -3.63
N ARG A 396 18.28 8.06 -2.89
CA ARG A 396 18.68 8.13 -1.53
C ARG A 396 19.76 7.07 -1.27
N PRO A 397 20.94 7.28 -1.85
CA PRO A 397 21.90 6.22 -1.75
C PRO A 397 22.41 5.88 -0.34
N GLU A 398 22.51 6.84 0.61
CA GLU A 398 22.87 6.56 2.01
C GLU A 398 21.80 5.68 2.67
N LEU A 399 20.57 6.15 2.60
CA LEU A 399 19.45 5.40 3.17
C LEU A 399 19.35 3.98 2.58
N THR A 400 19.51 3.84 1.27
CA THR A 400 19.44 2.52 0.61
C THR A 400 20.54 1.60 1.18
N ALA A 401 21.75 2.08 1.28
CA ALA A 401 22.86 1.29 1.77
C ALA A 401 22.71 0.86 3.19
N GLN A 402 22.08 1.69 3.98
CA GLN A 402 21.82 1.41 5.37
C GLN A 402 20.72 0.35 5.58
N LYS A 403 19.71 0.36 4.71
CA LYS A 403 18.58 -0.60 4.86
C LYS A 403 18.59 -1.84 4.02
N PHE A 404 19.24 -1.80 2.88
CA PHE A 404 19.32 -2.91 2.01
C PHE A 404 20.78 -3.34 2.00
N ILE A 405 21.06 -4.40 2.72
CA ILE A 405 22.41 -4.77 3.19
C ILE A 405 22.78 -6.04 2.46
N GLN A 406 24.03 -6.17 2.07
CA GLN A 406 24.51 -7.40 1.49
C GLN A 406 24.56 -8.50 2.57
N ASP A 407 24.02 -9.69 2.27
CA ASP A 407 23.95 -10.73 3.31
C ASP A 407 25.35 -11.38 3.49
N PRO A 408 25.98 -11.16 4.63
CA PRO A 408 27.36 -11.70 4.91
C PRO A 408 27.41 -13.22 4.84
N PHE A 409 26.31 -13.87 5.18
CA PHE A 409 26.26 -15.31 5.10
C PHE A 409 25.75 -15.78 3.75
N SER A 410 25.46 -14.86 2.84
CA SER A 410 25.01 -15.26 1.52
C SER A 410 25.25 -14.17 0.50
N PRO A 411 26.54 -14.00 0.09
CA PRO A 411 26.94 -12.70 -0.43
C PRO A 411 26.37 -12.31 -1.76
N SER A 412 25.76 -13.23 -2.49
CA SER A 412 25.07 -12.88 -3.71
C SER A 412 23.69 -12.25 -3.47
N GLU A 413 23.27 -12.14 -2.21
CA GLU A 413 21.89 -11.72 -1.83
C GLU A 413 21.88 -10.59 -0.86
N ARG A 414 20.73 -9.93 -0.68
CA ARG A 414 20.58 -8.83 0.22
C ARG A 414 19.51 -9.14 1.25
N LEU A 415 19.48 -8.33 2.24
CA LEU A 415 18.50 -8.39 3.30
C LEU A 415 17.99 -7.00 3.42
N TYR A 416 16.71 -6.84 3.71
CA TYR A 416 16.21 -5.54 4.12
C TYR A 416 15.96 -5.52 5.60
N LYS A 417 16.46 -4.48 6.27
CA LYS A 417 16.33 -4.26 7.69
C LYS A 417 15.07 -3.53 8.00
N THR A 418 14.09 -4.20 8.58
CA THR A 418 12.80 -3.67 8.69
C THR A 418 12.63 -2.61 9.74
N GLY A 419 13.41 -2.66 10.81
CA GLY A 419 13.16 -1.80 11.95
C GLY A 419 12.14 -2.38 12.92
N ASP A 420 11.64 -3.59 12.58
CA ASP A 420 10.66 -4.33 13.43
C ASP A 420 11.37 -5.38 14.29
N LEU A 421 10.94 -5.45 15.54
CA LEU A 421 11.43 -6.47 16.46
C LEU A 421 10.45 -7.63 16.36
N GLY A 422 10.96 -8.85 16.47
CA GLY A 422 10.08 -10.02 16.53
C GLY A 422 10.76 -11.25 17.14
N ARG A 423 9.98 -12.34 17.23
CA ARG A 423 10.53 -13.66 17.56
C ARG A 423 9.69 -14.75 16.99
N TYR A 424 10.33 -15.85 16.62
CA TYR A 424 9.60 -16.98 16.16
C TYR A 424 9.26 -17.80 17.40
N LEU A 425 7.98 -18.12 17.58
CA LEU A 425 7.51 -19.06 18.61
C LEU A 425 7.90 -20.50 18.26
N ALA A 426 7.75 -21.40 19.24
CA ALA A 426 8.09 -22.81 19.03
C ALA A 426 7.22 -23.45 17.96
N ASP A 427 5.99 -22.96 17.77
CA ASP A 427 5.15 -23.51 16.69
C ASP A 427 5.50 -23.05 15.24
N GLY A 428 6.52 -22.19 15.07
CA GLY A 428 6.92 -21.71 13.74
C GLY A 428 6.38 -20.32 13.42
N ASN A 429 5.44 -19.81 14.23
CA ASN A 429 4.82 -18.52 13.98
C ASN A 429 5.61 -17.33 14.46
N LEU A 430 5.68 -16.30 13.63
CA LEU A 430 6.32 -15.05 13.99
C LEU A 430 5.41 -14.16 14.77
N GLU A 431 6.01 -13.51 15.76
CA GLU A 431 5.38 -12.52 16.57
C GLU A 431 6.01 -11.19 16.34
N TYR A 432 5.20 -10.14 16.07
CA TYR A 432 5.64 -8.77 15.98
C TYR A 432 5.76 -8.20 17.40
N LEU A 433 6.92 -7.67 17.72
CA LEU A 433 7.17 -7.17 19.07
C LEU A 433 7.45 -5.65 19.12
N GLY A 434 7.22 -4.93 18.01
CA GLY A 434 7.34 -3.46 18.03
C GLY A 434 8.52 -2.92 17.25
N ARG A 435 8.79 -1.63 17.42
CA ARG A 435 9.79 -0.94 16.63
C ARG A 435 10.98 -0.56 17.47
N VAL A 436 12.13 -0.54 16.81
CA VAL A 436 13.37 -0.03 17.40
C VAL A 436 13.51 1.50 17.25
N ASP A 437 12.56 2.18 16.61
CA ASP A 437 12.81 3.58 16.13
C ASP A 437 11.56 4.39 16.27
N HIS A 438 11.39 5.42 15.45
CA HIS A 438 10.30 6.38 15.68
C HIS A 438 9.35 6.42 14.50
N GLN A 439 9.22 5.30 13.78
CA GLN A 439 8.13 5.16 12.80
C GLN A 439 6.89 4.57 13.49
N VAL A 440 5.73 5.13 13.20
CA VAL A 440 4.51 4.72 13.86
C VAL A 440 3.46 4.62 12.77
N LYS A 441 2.34 3.99 13.10
CA LYS A 441 1.16 4.00 12.29
C LYS A 441 0.13 4.89 12.95
N ILE A 442 -0.38 5.89 12.23
CA ILE A 442 -1.42 6.83 12.74
C ILE A 442 -2.58 6.78 11.74
N ASN A 443 -3.77 6.40 12.23
CA ASN A 443 -4.99 6.24 11.39
C ASN A 443 -4.79 5.21 10.27
N GLY A 444 -3.84 4.32 10.45
CA GLY A 444 -3.52 3.32 9.44
C GLY A 444 -2.38 3.69 8.50
N PHE A 445 -1.76 4.88 8.69
CA PHE A 445 -0.76 5.38 7.72
C PHE A 445 0.65 5.33 8.32
N ARG A 446 1.61 4.98 7.50
CA ARG A 446 3.02 4.97 7.88
C ARG A 446 3.58 6.40 8.06
N VAL A 447 4.01 6.71 9.29
CA VAL A 447 4.51 8.04 9.63
C VAL A 447 5.83 8.01 10.38
N GLU A 448 6.81 8.74 9.88
CA GLU A 448 8.04 8.98 10.67
C GLU A 448 7.85 10.25 11.47
N LEU A 449 7.96 10.12 12.79
CA LEU A 449 7.87 11.25 13.71
C LEU A 449 8.92 12.32 13.38
N GLY A 450 10.11 11.86 13.01
CA GLY A 450 11.21 12.71 12.62
C GLY A 450 10.82 13.63 11.46
N GLU A 451 9.98 13.14 10.53
CA GLU A 451 9.57 13.95 9.38
C GLU A 451 8.81 15.19 9.90
N ILE A 452 7.85 14.96 10.79
CA ILE A 452 7.05 16.02 11.36
C ILE A 452 7.95 16.95 12.19
N GLU A 453 8.79 16.37 13.05
CA GLU A 453 9.79 17.17 13.80
C GLU A 453 10.60 18.12 12.91
N THR A 454 11.16 17.55 11.84
CA THR A 454 12.00 18.27 10.93
C THR A 454 11.27 19.48 10.28
N VAL A 455 10.01 19.26 9.93
CA VAL A 455 9.24 20.27 9.24
C VAL A 455 8.82 21.39 10.20
N LEU A 456 8.36 21.00 11.38
CA LEU A 456 8.04 21.98 12.47
C LEU A 456 9.22 22.90 12.80
N LEU A 457 10.42 22.31 12.82
N LEU A 457 10.42 22.31 12.83
CA LEU A 457 11.70 23.02 13.06
CA LEU A 457 11.69 23.02 13.05
C LEU A 457 12.00 24.08 12.00
C LEU A 457 11.97 24.09 12.01
N GLN A 458 11.38 23.95 10.83
CA GLN A 458 11.52 24.96 9.79
C GLN A 458 10.77 26.25 10.14
N HIS A 459 9.77 26.17 11.01
CA HIS A 459 8.90 27.31 11.23
C HIS A 459 9.67 28.30 12.11
N HIS A 460 9.62 29.59 11.76
CA HIS A 460 10.40 30.62 12.43
C HIS A 460 10.16 30.78 13.96
N GLN A 461 8.94 30.52 14.41
CA GLN A 461 8.56 30.46 15.82
C GLN A 461 8.95 29.15 16.57
N VAL A 462 9.55 28.18 15.89
CA VAL A 462 9.97 26.92 16.54
C VAL A 462 11.48 26.86 16.57
N ALA A 463 12.01 26.65 17.79
CA ALA A 463 13.45 26.56 18.06
C ALA A 463 13.89 25.10 18.26
N GLN A 464 13.14 24.33 19.09
CA GLN A 464 13.33 22.85 19.18
C GLN A 464 11.94 22.17 19.13
N ALA A 465 11.91 20.90 18.70
CA ALA A 465 10.63 20.16 18.63
C ALA A 465 10.86 18.65 18.66
N VAL A 466 9.93 17.99 19.36
CA VAL A 466 9.86 16.53 19.42
C VAL A 466 8.40 16.16 19.24
N VAL A 467 8.09 15.17 18.39
CA VAL A 467 6.67 14.72 18.23
C VAL A 467 6.58 13.26 18.66
N ILE A 468 5.56 12.97 19.46
CA ILE A 468 5.38 11.62 19.93
C ILE A 468 3.94 11.15 19.70
N ASP A 469 3.81 9.82 19.69
CA ASP A 469 2.53 9.07 19.79
C ASP A 469 2.45 8.51 21.24
N ARG A 470 1.28 8.32 21.85
CA ARG A 470 -0.03 8.39 21.25
C ARG A 470 -1.01 8.89 22.29
N ARG A 478 -3.22 10.88 20.09
CA ARG A 478 -2.58 10.41 18.86
C ARG A 478 -1.21 11.10 18.72
N LEU A 479 -1.05 12.02 17.75
CA LEU A 479 0.22 12.75 17.63
C LEU A 479 0.33 13.91 18.62
N VAL A 480 1.45 14.05 19.34
CA VAL A 480 1.57 15.21 20.21
C VAL A 480 2.94 15.85 20.02
N ALA A 481 2.85 17.15 19.70
CA ALA A 481 4.00 17.94 19.39
C ALA A 481 4.37 18.70 20.63
N TYR A 482 5.65 18.62 20.99
CA TYR A 482 6.18 19.34 22.11
C TYR A 482 7.28 20.25 21.57
N LEU A 483 7.22 21.53 21.97
CA LEU A 483 8.09 22.54 21.36
C LEU A 483 8.62 23.62 22.36
N VAL A 484 9.86 24.07 22.12
CA VAL A 484 10.38 25.30 22.76
C VAL A 484 10.29 26.38 21.65
N PRO A 485 9.32 27.35 21.82
CA PRO A 485 9.19 28.48 20.91
C PRO A 485 10.37 29.42 20.92
N HIS A 486 10.54 30.17 19.83
CA HIS A 486 11.26 31.43 19.88
C HIS A 486 10.26 32.39 20.53
N SER A 487 9.12 32.59 19.86
CA SER A 487 8.06 33.43 20.42
C SER A 487 6.73 32.66 20.47
N THR A 488 6.24 32.50 21.70
CA THR A 488 4.91 31.99 21.98
C THR A 488 3.86 32.96 21.46
N GLU A 489 2.67 32.41 21.23
CA GLU A 489 1.55 33.16 20.77
C GLU A 489 0.37 32.23 21.10
N GLU A 490 -0.71 32.75 21.65
CA GLU A 490 -1.86 31.90 22.03
C GLU A 490 -2.63 31.18 20.87
N ASN A 491 -2.46 31.60 19.61
CA ASN A 491 -3.02 30.86 18.45
C ASN A 491 -1.93 30.09 17.68
N LEU A 492 -0.89 29.66 18.40
CA LEU A 492 0.24 28.97 17.80
C LEU A 492 -0.18 27.60 17.28
N THR A 493 -1.03 26.89 18.00
CA THR A 493 -1.58 25.61 17.53
C THR A 493 -2.23 25.70 16.14
N VAL A 494 -3.12 26.67 15.96
CA VAL A 494 -3.79 26.88 14.69
C VAL A 494 -2.79 27.40 13.63
N THR A 495 -1.81 28.19 14.03
CA THR A 495 -0.77 28.62 13.07
C THR A 495 0.07 27.42 12.60
N LEU A 496 0.35 26.49 13.52
CA LEU A 496 1.34 25.47 13.15
C LEU A 496 0.65 24.39 12.33
N GLN A 497 -0.63 24.17 12.61
CA GLN A 497 -1.45 23.29 11.80
C GLN A 497 -1.73 23.81 10.36
N GLN A 498 -2.08 25.09 10.24
CA GLN A 498 -2.06 25.77 8.95
C GLN A 498 -0.71 25.52 8.17
N PHE A 499 0.40 25.76 8.84
CA PHE A 499 1.74 25.63 8.23
C PHE A 499 1.97 24.20 7.77
N LEU A 500 1.74 23.24 8.67
CA LEU A 500 1.83 21.83 8.27
C LEU A 500 0.84 21.45 7.18
N LYS A 501 -0.36 22.01 7.15
CA LYS A 501 -1.37 21.58 6.18
C LYS A 501 -0.89 21.74 4.71
N ASN A 502 0.01 22.69 4.47
CA ASN A 502 0.48 23.01 3.14
C ASN A 502 1.78 22.29 2.82
N LYS A 503 2.20 21.39 3.71
CA LYS A 503 3.41 20.55 3.52
C LYS A 503 3.24 19.03 3.70
N LEU A 504 2.41 18.62 4.68
CA LEU A 504 2.31 17.22 5.05
C LEU A 504 0.88 16.74 4.78
N PRO A 505 0.69 15.43 4.56
CA PRO A 505 -0.68 14.89 4.54
C PRO A 505 -1.34 15.09 5.92
N SER A 506 -2.68 15.13 5.94
CA SER A 506 -3.43 15.53 7.12
C SER A 506 -3.11 14.64 8.32
N TYR A 507 -2.89 13.35 8.08
CA TYR A 507 -2.65 12.41 9.18
C TYR A 507 -1.30 12.61 9.88
N MET A 508 -0.43 13.47 9.32
CA MET A 508 0.84 13.83 9.98
C MET A 508 0.72 15.12 10.78
N ILE A 509 -0.49 15.69 10.82
CA ILE A 509 -0.72 16.94 11.49
C ILE A 509 -1.12 16.68 12.97
N PRO A 510 -0.28 17.14 13.91
CA PRO A 510 -0.69 16.76 15.26
C PRO A 510 -1.95 17.50 15.68
N ALA A 511 -2.86 16.77 16.34
CA ALA A 511 -4.00 17.37 17.03
C ALA A 511 -3.71 17.91 18.44
N THR A 512 -2.46 18.09 18.84
CA THR A 512 -2.15 18.78 20.10
C THR A 512 -0.68 19.14 20.23
N PHE A 513 -0.46 20.34 20.77
CA PHE A 513 0.85 20.96 20.92
C PHE A 513 1.15 21.34 22.37
N VAL A 514 2.38 21.13 22.81
CA VAL A 514 2.81 21.50 24.14
C VAL A 514 4.08 22.38 24.09
N VAL A 515 4.00 23.54 24.77
CA VAL A 515 5.10 24.54 24.81
C VAL A 515 5.91 24.42 26.13
N LEU A 516 7.25 24.38 26.04
CA LEU A 516 8.13 24.29 27.23
C LEU A 516 9.35 25.21 27.11
N ARG B . 2.69 -3.11 3.05
CA ARG B . 1.67 -2.87 4.12
C ARG B . 2.28 -1.91 5.07
O ARG B . 1.78 -1.70 6.16
CB ARG B . 1.28 -4.12 4.93
CG ARG B . 0.38 -4.98 4.07
CD ARG B . -0.50 -5.87 4.93
NE ARG B . -1.88 -6.06 4.51
CZ ARG B . -2.05 -6.60 3.24
NH1 ARG B . -1.04 -7.14 2.60
NH2 ARG B . -3.31 -6.92 2.99
C1 GOL C . 21.16 -15.80 8.15
O1 GOL C . 21.69 -15.11 9.25
C2 GOL C . 21.80 -15.12 6.98
O2 GOL C . 21.91 -13.75 7.37
C3 GOL C . 21.00 -15.48 5.77
O3 GOL C . 21.08 -16.91 5.67
C1 GOL D . -8.08 4.32 5.76
O1 GOL D . -8.74 5.31 4.99
C2 GOL D . -9.01 3.83 6.85
O2 GOL D . -9.96 4.86 7.20
C3 GOL D . -8.24 3.38 8.09
O3 GOL D . -8.95 3.87 9.24
P PO4 E . -7.73 5.37 2.07
O1 PO4 E . -8.73 4.26 2.24
O2 PO4 E . -8.28 6.36 1.07
O3 PO4 E . -6.30 4.98 1.72
O4 PO4 E . -7.59 6.02 3.44
P AMP F . 4.23 0.06 5.21
O1P AMP F . 3.49 -1.27 4.58
O2P AMP F . 3.16 1.18 5.19
O3P AMP F . 5.66 0.09 4.78
O5' AMP F . 4.35 -0.23 6.80
C5' AMP F . 5.02 -1.43 7.17
C4' AMP F . 5.10 -1.49 8.68
O4' AMP F . 3.80 -1.57 9.23
C3' AMP F . 5.88 -2.72 9.08
O3' AMP F . 7.26 -2.51 8.98
C2' AMP F . 5.36 -2.92 10.50
O2' AMP F . 5.91 -1.99 11.44
C1' AMP F . 3.90 -2.57 10.28
N9 AMP F . 3.01 -3.67 9.90
C8 AMP F . 2.57 -4.02 8.66
N7 AMP F . 1.68 -5.06 8.77
C5 AMP F . 1.60 -5.35 10.10
C6 AMP F . 0.89 -6.33 10.93
N6 AMP F . 0.04 -7.19 10.30
N1 AMP F . 1.12 -6.30 12.25
C2 AMP F . 1.95 -5.42 12.87
N3 AMP F . 2.64 -4.45 12.20
C4 AMP F . 2.47 -4.42 10.84
#